data_6M88
#
_entry.id   6M88
#
_cell.length_a   77.717
_cell.length_b   77.717
_cell.length_c   84.465
_cell.angle_alpha   90.00
_cell.angle_beta   90.00
_cell.angle_gamma   90.00
#
_symmetry.space_group_name_H-M   'P 42 21 2'
#
loop_
_entity.id
_entity.type
_entity.pdbx_description
1 polymer 'Inositol polyphosphate multikinase,Inositol polyphosphate multikinase'
2 non-polymer 3,5,7-TRIHYDROXY-2-(3,4,5-TRIHYDROXYPHENYL)-4H-CHROMEN-4-ONE
3 water water
#
_entity_poly.entity_id   1
_entity_poly.type   'polypeptide(L)'
_entity_poly.pdbx_seq_one_letter_code
;GSFTSHQVAGHMYGKDKVGILQHPDGTVLKQLQPPPRGPRELEFYNMVYAADCFDGVLLELRKYLPKYYGIWSPPTAPND
LYLKLEDVTHKFNKPCIMDVKIGQKSYDPFASSEKIQQQVSKYPLMEEIGFLVLGMRVYHVHSDSYETENQHYGRSLTKE
TIKDGVSRFFHNGYCLRKDAVAASIQKIEKILQWFENQKQLNFYASSLLFVYEGSSQGGSGGEVEVRMIDFAHVFPSNTI
DEGYVYGLKHLISVLRSILDN
;
_entity_poly.pdbx_strand_id   A
#
loop_
_chem_comp.id
_chem_comp.type
_chem_comp.name
_chem_comp.formula
MYC non-polymer 3,5,7-TRIHYDROXY-2-(3,4,5-TRIHYDROXYPHENYL)-4H-CHROMEN-4-ONE 'C15 H10 O8'
#
# COMPACT_ATOMS: atom_id res chain seq x y z
N ILE A 20 13.46 4.16 -1.01
CA ILE A 20 12.99 4.95 0.18
C ILE A 20 14.18 5.27 1.08
N LEU A 21 14.41 6.55 1.36
CA LEU A 21 15.51 7.02 2.21
C LEU A 21 14.92 7.58 3.50
N GLN A 22 15.75 7.74 4.53
CA GLN A 22 15.29 8.04 5.90
C GLN A 22 15.17 9.54 6.32
N HIS A 23 16.13 10.41 5.99
CA HIS A 23 16.03 11.88 6.30
C HIS A 23 15.96 12.17 7.83
N PRO A 24 15.96 13.46 8.29
CA PRO A 24 15.88 13.60 9.76
C PRO A 24 14.52 13.15 10.30
N ASP A 25 14.57 12.64 11.51
CA ASP A 25 13.74 11.53 11.91
C ASP A 25 12.25 11.73 11.81
N GLY A 26 11.57 10.60 11.62
CA GLY A 26 10.14 10.58 11.42
C GLY A 26 9.71 10.68 9.99
N THR A 27 10.61 11.01 9.05
CA THR A 27 10.23 11.14 7.63
C THR A 27 11.04 10.23 6.74
N VAL A 28 10.57 10.09 5.51
CA VAL A 28 11.25 9.36 4.48
C VAL A 28 11.24 10.22 3.23
N LEU A 29 12.21 9.99 2.37
CA LEU A 29 12.25 10.61 1.04
C LEU A 29 11.98 9.53 0.02
N LYS A 30 10.97 9.77 -0.82
CA LYS A 30 10.66 8.88 -1.93
C LYS A 30 11.03 9.57 -3.24
N GLN A 31 12.00 8.99 -3.92
CA GLN A 31 12.51 9.57 -5.14
C GLN A 31 11.44 9.44 -6.22
N LEU A 32 11.22 10.53 -6.96
CA LEU A 32 10.26 10.50 -8.03
C LEU A 32 10.69 9.45 -9.02
N GLN A 33 9.76 8.58 -9.38
CA GLN A 33 10.00 7.63 -10.48
C GLN A 33 10.25 8.42 -11.77
N PRO A 34 10.83 7.77 -12.79
CA PRO A 34 11.04 8.48 -14.07
C PRO A 34 9.69 8.93 -14.64
N PRO A 35 9.70 9.98 -15.48
CA PRO A 35 8.43 10.46 -16.04
C PRO A 35 7.81 9.41 -16.97
N PRO A 36 6.49 9.35 -17.11
CA PRO A 36 5.53 10.23 -16.46
C PRO A 36 5.17 9.87 -15.00
N ARG A 37 5.67 8.76 -14.48
CA ARG A 37 5.21 8.24 -13.18
C ARG A 37 5.51 9.16 -11.99
N GLY A 38 6.77 9.54 -11.81
CA GLY A 38 7.16 10.48 -10.74
C GLY A 38 6.35 11.78 -10.72
N PRO A 39 6.34 12.52 -11.83
CA PRO A 39 5.55 13.76 -11.94
C PRO A 39 4.07 13.59 -11.59
N ARG A 40 3.48 12.46 -12.00
CA ARG A 40 2.08 12.15 -11.65
C ARG A 40 1.89 11.92 -10.14
N GLU A 41 2.86 11.25 -9.51
CA GLU A 41 2.78 11.02 -8.08
C GLU A 41 2.96 12.32 -7.29
N LEU A 42 3.90 13.16 -7.75
CA LEU A 42 4.05 14.50 -7.22
C LEU A 42 2.74 15.29 -7.30
N GLU A 43 2.17 15.30 -8.50
CA GLU A 43 0.90 15.97 -8.77
C GLU A 43 -0.22 15.49 -7.82
N PHE A 44 -0.28 14.18 -7.61
CA PHE A 44 -1.29 13.59 -6.72
C PHE A 44 -1.19 14.09 -5.27
N TYR A 45 -0.01 13.97 -4.67
CA TYR A 45 0.20 14.48 -3.32
C TYR A 45 -0.08 15.99 -3.22
N ASN A 46 0.37 16.75 -4.23
CA ASN A 46 0.09 18.19 -4.30
C ASN A 46 -1.39 18.52 -4.30
N MET A 47 -2.16 17.73 -5.05
CA MET A 47 -3.60 17.91 -5.13
C MET A 47 -4.25 17.59 -3.79
N VAL A 48 -3.87 16.47 -3.19
CA VAL A 48 -4.51 16.00 -1.98
C VAL A 48 -4.22 16.93 -0.81
N TYR A 49 -2.98 17.40 -0.72
CA TYR A 49 -2.50 18.22 0.39
C TYR A 49 -2.43 19.71 0.02
N ALA A 50 -3.20 20.14 -0.98
CA ALA A 50 -3.29 21.55 -1.34
C ALA A 50 -3.80 22.33 -0.14
N ALA A 51 -3.02 23.32 0.28
CA ALA A 51 -3.36 24.19 1.41
C ALA A 51 -4.82 24.66 1.42
N ASP A 52 -5.28 25.12 0.26
CA ASP A 52 -6.63 25.65 0.08
C ASP A 52 -7.67 24.62 -0.36
N CYS A 53 -7.38 23.33 -0.19
CA CYS A 53 -8.34 22.29 -0.49
C CYS A 53 -9.35 22.18 0.64
N PHE A 54 -10.63 22.37 0.31
CA PHE A 54 -11.73 22.10 1.23
C PHE A 54 -12.68 21.02 0.70
N ASP A 55 -12.20 20.22 -0.26
CA ASP A 55 -12.93 19.05 -0.74
C ASP A 55 -12.94 17.99 0.37
N GLY A 56 -14.13 17.68 0.90
CA GLY A 56 -14.28 16.68 1.95
C GLY A 56 -13.72 15.29 1.61
N VAL A 57 -13.85 14.89 0.35
CA VAL A 57 -13.28 13.60 -0.10
C VAL A 57 -11.76 13.61 0.08
N LEU A 58 -11.11 14.67 -0.36
CA LEU A 58 -9.66 14.76 -0.29
C LEU A 58 -9.13 14.98 1.12
N LEU A 59 -9.86 15.75 1.94
CA LEU A 59 -9.49 15.94 3.33
C LEU A 59 -9.57 14.63 4.12
N GLU A 60 -10.62 13.83 3.88
CA GLU A 60 -10.68 12.50 4.49
C GLU A 60 -9.53 11.61 4.03
N LEU A 61 -9.20 11.66 2.74
CA LEU A 61 -8.13 10.81 2.16
C LEU A 61 -6.81 11.00 2.87
N ARG A 62 -6.51 12.23 3.29
CA ARG A 62 -5.25 12.54 3.99
C ARG A 62 -4.99 11.65 5.18
N LYS A 63 -6.05 11.24 5.86
CA LYS A 63 -5.94 10.37 7.02
C LYS A 63 -5.23 9.04 6.68
N TYR A 64 -5.43 8.56 5.46
CA TYR A 64 -4.97 7.24 5.03
C TYR A 64 -3.66 7.23 4.27
N LEU A 65 -3.10 8.41 3.99
CA LEU A 65 -1.81 8.53 3.30
C LEU A 65 -0.72 8.88 4.30
N PRO A 66 0.55 8.67 3.95
CA PRO A 66 1.58 9.34 4.75
C PRO A 66 1.36 10.82 4.68
N LYS A 67 1.59 11.52 5.79
CA LYS A 67 1.57 12.95 5.77
C LYS A 67 2.64 13.41 4.77
N TYR A 68 2.29 14.42 4.00
CA TYR A 68 3.10 14.93 2.90
C TYR A 68 3.70 16.26 3.29
N TYR A 69 5.02 16.40 3.14
CA TYR A 69 5.74 17.61 3.52
C TYR A 69 6.27 18.34 2.30
N GLY A 70 5.76 18.02 1.12
CA GLY A 70 6.13 18.72 -0.08
C GLY A 70 7.28 18.07 -0.81
N ILE A 71 7.50 18.60 -2.01
CA ILE A 71 8.67 18.26 -2.80
C ILE A 71 9.95 18.62 -2.07
N TRP A 72 10.96 17.77 -2.19
CA TRP A 72 12.26 17.99 -1.57
C TRP A 72 13.36 17.61 -2.56
N SER A 73 14.43 18.41 -2.57
CA SER A 73 15.65 18.12 -3.33
C SER A 73 16.86 18.43 -2.48
N PRO A 74 17.97 17.72 -2.72
CA PRO A 74 19.18 18.08 -1.97
C PRO A 74 19.59 19.53 -2.25
N PRO A 75 20.14 20.23 -1.24
CA PRO A 75 20.58 21.65 -1.32
C PRO A 75 21.35 22.02 -2.59
N THR A 76 22.26 21.15 -3.01
CA THR A 76 23.09 21.37 -4.19
C THR A 76 22.64 20.60 -5.44
N ALA A 77 21.40 20.09 -5.46
CA ALA A 77 20.94 19.22 -6.56
C ALA A 77 19.43 19.36 -6.85
N PRO A 78 19.00 20.54 -7.37
CA PRO A 78 17.59 20.80 -7.72
C PRO A 78 16.99 19.81 -8.73
N ASN A 79 17.84 19.22 -9.55
CA ASN A 79 17.43 18.13 -10.47
C ASN A 79 16.88 16.87 -9.80
N ASP A 80 17.31 16.60 -8.57
CA ASP A 80 17.05 15.32 -7.91
C ASP A 80 15.80 15.43 -7.03
N LEU A 81 14.66 14.97 -7.57
CA LEU A 81 13.33 15.22 -6.99
C LEU A 81 12.81 14.08 -6.10
N TYR A 82 12.47 14.43 -4.86
CA TYR A 82 11.83 13.50 -3.92
C TYR A 82 10.53 14.07 -3.40
N LEU A 83 9.75 13.15 -2.82
CA LEU A 83 8.62 13.49 -2.02
C LEU A 83 9.10 13.29 -0.60
N LYS A 84 8.88 14.30 0.25
CA LYS A 84 9.12 14.18 1.68
C LYS A 84 7.83 13.71 2.34
N LEU A 85 7.91 12.55 2.96
CA LEU A 85 6.74 11.86 3.49
C LEU A 85 6.97 11.42 4.91
N GLU A 86 5.88 11.34 5.66
CA GLU A 86 5.87 10.71 6.98
C GLU A 86 6.42 9.29 6.92
N ASP A 87 7.29 8.96 7.88
CA ASP A 87 7.74 7.59 8.03
C ASP A 87 6.66 6.84 8.82
N VAL A 88 5.84 6.09 8.12
CA VAL A 88 4.71 5.38 8.74
C VAL A 88 5.14 4.30 9.74
N THR A 89 6.41 3.92 9.74
CA THR A 89 6.96 2.95 10.69
C THR A 89 7.60 3.59 11.93
N HIS A 90 7.61 4.92 12.00
CA HIS A 90 8.36 5.68 12.99
C HIS A 90 8.04 5.30 14.45
N LYS A 91 6.77 5.13 14.77
CA LYS A 91 6.35 4.82 16.14
C LYS A 91 6.58 3.35 16.57
N PHE A 92 7.05 2.50 15.68
CA PHE A 92 7.25 1.07 15.99
C PHE A 92 8.68 0.79 16.40
N ASN A 93 8.84 -0.14 17.33
CA ASN A 93 10.16 -0.58 17.77
C ASN A 93 10.78 -1.56 16.78
N LYS A 94 10.07 -2.67 16.54
CA LYS A 94 10.48 -3.69 15.59
C LYS A 94 9.33 -3.82 14.60
N PRO A 95 9.26 -2.90 13.63
CA PRO A 95 8.10 -2.93 12.76
C PRO A 95 8.13 -4.13 11.81
N CYS A 96 6.96 -4.79 11.68
CA CYS A 96 6.72 -5.79 10.67
C CYS A 96 5.91 -5.10 9.60
N ILE A 97 6.38 -5.19 8.36
CA ILE A 97 5.85 -4.40 7.27
C ILE A 97 5.49 -5.28 6.09
N MET A 98 4.30 -5.08 5.53
CA MET A 98 3.87 -5.71 4.30
C MET A 98 3.31 -4.68 3.35
N ASP A 99 3.72 -4.77 2.10
CA ASP A 99 3.28 -3.90 1.04
C ASP A 99 2.39 -4.74 0.14
N VAL A 100 1.12 -4.33 -0.02
CA VAL A 100 0.18 -5.04 -0.86
C VAL A 100 -0.37 -4.13 -1.94
N LYS A 101 -0.10 -4.48 -3.19
CA LYS A 101 -0.68 -3.78 -4.34
C LYS A 101 -2.16 -4.16 -4.45
N ILE A 102 -3.04 -3.18 -4.69
CA ILE A 102 -4.50 -3.37 -4.66
C ILE A 102 -5.09 -3.07 -6.04
N GLY A 103 -6.07 -3.89 -6.44
CA GLY A 103 -6.82 -3.67 -7.66
C GLY A 103 -6.80 -4.88 -8.56
N GLN A 104 -7.68 -4.86 -9.56
CA GLN A 104 -7.76 -5.91 -10.58
C GLN A 104 -6.83 -5.70 -11.76
N LYS A 105 -6.52 -4.43 -12.01
CA LYS A 105 -5.62 -4.00 -13.06
C LYS A 105 -4.52 -3.12 -12.46
N SER A 106 -3.26 -3.43 -12.79
CA SER A 106 -2.12 -2.60 -12.40
C SER A 106 -1.62 -1.75 -13.57
N TYR A 107 -2.36 -1.79 -14.67
CA TYR A 107 -2.16 -0.88 -15.78
C TYR A 107 -3.24 0.18 -15.71
N ASP A 108 -2.94 1.34 -16.25
CA ASP A 108 -3.88 2.47 -16.16
C ASP A 108 -4.72 2.64 -17.43
N PRO A 109 -5.67 3.59 -17.42
CA PRO A 109 -6.60 3.71 -18.56
C PRO A 109 -6.00 4.13 -19.89
N PHE A 110 -4.75 4.59 -19.91
CA PHE A 110 -4.09 5.01 -21.15
C PHE A 110 -2.89 4.14 -21.50
N ALA A 111 -2.85 2.93 -20.95
CA ALA A 111 -1.79 1.99 -21.26
C ALA A 111 -1.96 1.46 -22.68
N SER A 112 -0.84 1.30 -23.37
CA SER A 112 -0.81 0.64 -24.68
C SER A 112 -1.02 -0.85 -24.50
N SER A 113 -1.26 -1.55 -25.60
CA SER A 113 -1.36 -3.01 -25.60
C SER A 113 -0.10 -3.67 -25.03
N GLU A 114 1.06 -3.13 -25.42
CA GLU A 114 2.34 -3.62 -24.90
C GLU A 114 2.41 -3.47 -23.39
N LYS A 115 2.02 -2.28 -22.90
CA LYS A 115 2.05 -1.97 -21.45
C LYS A 115 1.06 -2.82 -20.68
N ILE A 116 -0.14 -3.02 -21.22
CA ILE A 116 -1.15 -3.88 -20.57
C ILE A 116 -0.62 -5.30 -20.41
N GLN A 117 -0.12 -5.85 -21.50
CA GLN A 117 0.51 -7.15 -21.47
C GLN A 117 1.70 -7.21 -20.51
N GLN A 118 2.54 -6.17 -20.53
CA GLN A 118 3.67 -6.07 -19.60
C GLN A 118 3.21 -6.16 -18.15
N GLN A 119 2.17 -5.40 -17.82
CA GLN A 119 1.65 -5.34 -16.46
C GLN A 119 0.90 -6.61 -16.07
N VAL A 120 0.03 -7.12 -16.94
CA VAL A 120 -0.70 -8.37 -16.65
C VAL A 120 0.27 -9.55 -16.48
N SER A 121 1.30 -9.63 -17.34
CA SER A 121 2.29 -10.71 -17.26
C SER A 121 3.12 -10.72 -15.98
N LYS A 122 3.32 -9.55 -15.35
CA LYS A 122 3.98 -9.48 -14.04
C LYS A 122 3.25 -10.34 -12.99
N TYR A 123 1.92 -10.35 -13.06
CA TYR A 123 1.10 -11.16 -12.16
C TYR A 123 -0.28 -11.33 -12.78
N PRO A 124 -0.44 -12.40 -13.58
CA PRO A 124 -1.68 -12.58 -14.35
C PRO A 124 -2.92 -12.95 -13.53
N LEU A 125 -2.75 -13.18 -12.23
CA LEU A 125 -3.84 -13.43 -11.30
C LEU A 125 -4.44 -12.16 -10.68
N MET A 126 -4.00 -10.98 -11.12
CA MET A 126 -4.45 -9.74 -10.52
C MET A 126 -5.95 -9.55 -10.63
N GLU A 127 -6.53 -9.91 -11.77
CA GLU A 127 -7.95 -9.72 -11.99
C GLU A 127 -8.75 -10.62 -11.04
N GLU A 128 -8.27 -11.84 -10.85
CA GLU A 128 -8.97 -12.83 -10.01
C GLU A 128 -8.81 -12.49 -8.54
N ILE A 129 -7.60 -12.24 -8.10
CA ILE A 129 -7.34 -12.05 -6.65
C ILE A 129 -7.61 -10.60 -6.20
N GLY A 130 -7.26 -9.63 -7.05
CA GLY A 130 -7.48 -8.22 -6.73
C GLY A 130 -6.47 -7.57 -5.80
N PHE A 131 -5.43 -8.32 -5.43
CA PHE A 131 -4.28 -7.79 -4.73
C PHE A 131 -3.06 -8.67 -4.96
N LEU A 132 -1.89 -8.09 -4.71
CA LEU A 132 -0.61 -8.76 -4.87
C LEU A 132 0.34 -8.31 -3.77
N VAL A 133 0.89 -9.27 -3.02
CA VAL A 133 1.88 -8.93 -2.01
C VAL A 133 3.21 -8.57 -2.70
N LEU A 134 3.66 -7.35 -2.50
CA LEU A 134 4.91 -6.89 -3.11
C LEU A 134 6.11 -7.30 -2.30
N GLY A 135 5.93 -7.37 -1.00
CA GLY A 135 6.98 -7.87 -0.13
C GLY A 135 6.55 -7.78 1.29
N MET A 136 7.36 -8.35 2.16
CA MET A 136 7.15 -8.24 3.58
C MET A 136 8.45 -8.41 4.32
N ARG A 137 8.51 -7.81 5.51
CA ARG A 137 9.62 -7.99 6.41
C ARG A 137 8.97 -8.30 7.76
N VAL A 138 9.31 -9.45 8.33
CA VAL A 138 8.69 -9.92 9.56
C VAL A 138 9.77 -10.14 10.61
N TYR A 139 9.61 -9.48 11.75
CA TYR A 139 10.51 -9.70 12.89
C TYR A 139 10.14 -11.01 13.56
N HIS A 140 11.14 -11.86 13.81
CA HIS A 140 10.93 -13.11 14.53
C HIS A 140 11.52 -12.97 15.91
N VAL A 141 10.71 -13.30 16.92
CA VAL A 141 11.12 -13.15 18.32
C VAL A 141 12.24 -14.14 18.64
N HIS A 142 11.98 -15.42 18.37
CA HIS A 142 12.92 -16.51 18.68
C HIS A 142 14.38 -16.28 18.24
N SER A 143 14.58 -15.65 17.08
CA SER A 143 15.91 -15.45 16.50
C SER A 143 16.42 -14.01 16.56
N ASP A 144 15.59 -13.05 17.02
CA ASP A 144 15.94 -11.62 17.03
C ASP A 144 16.38 -11.14 15.63
N SER A 145 15.61 -11.54 14.62
CA SER A 145 15.99 -11.29 13.24
C SER A 145 14.76 -11.07 12.38
N TYR A 146 15.01 -10.57 11.17
CA TYR A 146 13.96 -10.32 10.22
C TYR A 146 13.96 -11.38 9.12
N GLU A 147 12.77 -11.76 8.69
CA GLU A 147 12.56 -12.60 7.51
C GLU A 147 11.94 -11.71 6.44
N THR A 148 12.61 -11.59 5.28
CA THR A 148 12.10 -10.74 4.20
C THR A 148 11.61 -11.59 3.05
N GLU A 149 10.53 -11.14 2.41
CA GLU A 149 10.07 -11.75 1.16
C GLU A 149 10.06 -10.66 0.11
N ASN A 150 10.60 -11.00 -1.07
CA ASN A 150 10.68 -10.06 -2.19
C ASN A 150 9.45 -10.18 -3.10
N GLN A 151 9.45 -9.40 -4.18
CA GLN A 151 8.49 -9.44 -5.31
C GLN A 151 8.01 -10.83 -5.75
N HIS A 152 8.96 -11.76 -5.85
CA HIS A 152 8.66 -13.09 -6.40
C HIS A 152 7.83 -13.93 -5.45
N TYR A 153 7.87 -13.62 -4.16
CA TYR A 153 7.01 -14.29 -3.18
C TYR A 153 5.52 -14.12 -3.52
N GLY A 154 5.03 -12.89 -3.52
CA GLY A 154 3.61 -12.62 -3.80
C GLY A 154 3.18 -13.02 -5.20
N ARG A 155 4.08 -12.84 -6.17
CA ARG A 155 3.83 -13.24 -7.56
C ARG A 155 3.74 -14.77 -7.75
N SER A 156 4.23 -15.55 -6.79
CA SER A 156 4.07 -17.00 -6.81
C SER A 156 2.78 -17.47 -6.15
N LEU A 157 2.02 -16.57 -5.53
CA LEU A 157 0.83 -16.96 -4.79
C LEU A 157 -0.38 -17.15 -5.71
N THR A 158 -1.15 -18.19 -5.43
CA THR A 158 -2.36 -18.51 -6.18
C THR A 158 -3.57 -18.42 -5.26
N LYS A 159 -4.77 -18.57 -5.83
CA LYS A 159 -6.00 -18.67 -5.03
C LYS A 159 -5.88 -19.74 -3.96
N GLU A 160 -5.18 -20.83 -4.30
CA GLU A 160 -4.94 -21.93 -3.38
C GLU A 160 -3.98 -21.54 -2.25
N THR A 161 -2.97 -20.71 -2.52
CA THR A 161 -1.96 -20.36 -1.50
C THR A 161 -2.00 -18.94 -0.93
N ILE A 162 -2.92 -18.09 -1.40
CA ILE A 162 -2.93 -16.69 -0.98
C ILE A 162 -3.19 -16.51 0.52
N LYS A 163 -4.10 -17.30 1.09
CA LYS A 163 -4.40 -17.20 2.51
C LYS A 163 -3.17 -17.47 3.38
N ASP A 164 -2.49 -18.59 3.12
CA ASP A 164 -1.26 -18.93 3.82
C ASP A 164 -0.10 -17.98 3.48
N GLY A 165 -0.12 -17.45 2.26
CA GLY A 165 0.84 -16.45 1.83
C GLY A 165 0.76 -15.16 2.62
N VAL A 166 -0.47 -14.70 2.84
CA VAL A 166 -0.73 -13.54 3.66
C VAL A 166 -0.46 -13.80 5.16
N SER A 167 -0.90 -14.95 5.67
N SER A 167 -0.93 -14.95 5.65
CA SER A 167 -0.73 -15.28 7.09
CA SER A 167 -0.72 -15.39 7.04
C SER A 167 0.72 -15.38 7.56
C SER A 167 0.72 -15.28 7.51
N ARG A 168 1.66 -15.64 6.63
CA ARG A 168 3.11 -15.57 6.96
C ARG A 168 3.53 -14.20 7.55
N PHE A 169 2.93 -13.12 7.09
CA PHE A 169 3.21 -11.78 7.59
C PHE A 169 2.94 -11.65 9.10
N PHE A 170 1.91 -12.33 9.56
CA PHE A 170 1.49 -12.29 10.95
C PHE A 170 2.06 -13.42 11.82
N HIS A 171 3.13 -14.09 11.36
CA HIS A 171 3.81 -15.14 12.12
C HIS A 171 5.11 -14.60 12.74
N ASN A 172 5.13 -14.47 14.07
CA ASN A 172 6.38 -14.15 14.79
C ASN A 172 7.28 -15.37 15.10
N GLY A 173 6.79 -16.57 14.75
CA GLY A 173 7.44 -17.82 15.13
C GLY A 173 7.14 -18.35 16.52
N TYR A 174 6.18 -17.72 17.23
CA TYR A 174 5.51 -18.31 18.42
C TYR A 174 4.00 -18.44 18.18
N CYS A 175 3.36 -17.36 17.73
CA CYS A 175 1.92 -17.36 17.48
C CYS A 175 1.56 -16.68 16.17
N LEU A 176 0.35 -16.96 15.70
CA LEU A 176 -0.30 -16.15 14.66
C LEU A 176 -0.87 -14.91 15.35
N ARG A 177 -0.44 -13.72 14.90
CA ARG A 177 -0.85 -12.45 15.51
C ARG A 177 -2.24 -12.05 15.03
N LYS A 178 -3.26 -12.73 15.56
CA LYS A 178 -4.65 -12.43 15.18
C LYS A 178 -5.11 -11.05 15.63
N ASP A 179 -4.50 -10.53 16.69
CA ASP A 179 -4.70 -9.12 17.07
C ASP A 179 -4.32 -8.16 15.93
N ALA A 180 -3.16 -8.37 15.30
CA ALA A 180 -2.74 -7.55 14.18
C ALA A 180 -3.63 -7.79 12.97
N VAL A 181 -4.07 -9.03 12.76
CA VAL A 181 -4.97 -9.35 11.65
C VAL A 181 -6.32 -8.62 11.80
N ALA A 182 -6.91 -8.68 12.99
CA ALA A 182 -8.19 -8.02 13.25
C ALA A 182 -8.08 -6.49 13.13
N ALA A 183 -7.04 -5.91 13.71
CA ALA A 183 -6.80 -4.47 13.60
C ALA A 183 -6.64 -4.05 12.12
N SER A 184 -5.90 -4.86 11.34
CA SER A 184 -5.74 -4.61 9.89
C SER A 184 -7.08 -4.59 9.17
N ILE A 185 -7.94 -5.55 9.46
CA ILE A 185 -9.29 -5.56 8.88
C ILE A 185 -10.04 -4.27 9.22
N GLN A 186 -9.99 -3.86 10.48
CA GLN A 186 -10.68 -2.67 10.95
C GLN A 186 -10.13 -1.39 10.29
N LYS A 187 -8.82 -1.34 10.06
CA LYS A 187 -8.20 -0.19 9.38
C LYS A 187 -8.53 -0.15 7.88
N ILE A 188 -8.51 -1.32 7.23
CA ILE A 188 -8.86 -1.44 5.81
C ILE A 188 -10.30 -1.06 5.59
N GLU A 189 -11.18 -1.48 6.51
CA GLU A 189 -12.60 -1.14 6.42
C GLU A 189 -12.86 0.36 6.31
N LYS A 190 -12.10 1.17 7.05
CA LYS A 190 -12.19 2.63 6.92
C LYS A 190 -11.78 3.13 5.53
N ILE A 191 -10.73 2.53 4.98
CA ILE A 191 -10.26 2.88 3.63
C ILE A 191 -11.33 2.46 2.63
N LEU A 192 -11.90 1.28 2.84
CA LEU A 192 -12.98 0.80 1.98
C LEU A 192 -14.14 1.75 1.99
N GLN A 193 -14.49 2.21 3.18
CA GLN A 193 -15.55 3.21 3.34
C GLN A 193 -15.27 4.51 2.60
N TRP A 194 -14.03 4.98 2.64
CA TRP A 194 -13.66 6.14 1.85
C TRP A 194 -13.88 5.89 0.35
N PHE A 195 -13.40 4.75 -0.15
CA PHE A 195 -13.66 4.35 -1.55
C PHE A 195 -15.16 4.19 -1.88
N GLU A 196 -15.94 3.67 -0.94
CA GLU A 196 -17.40 3.58 -1.11
C GLU A 196 -18.10 4.95 -1.23
N ASN A 197 -17.40 6.04 -0.86
CA ASN A 197 -17.96 7.36 -0.74
C ASN A 197 -17.25 8.40 -1.64
N GLN A 198 -16.59 7.93 -2.69
CA GLN A 198 -15.95 8.81 -3.67
C GLN A 198 -16.01 8.24 -5.06
N LYS A 199 -16.20 9.11 -6.05
CA LYS A 199 -16.22 8.74 -7.47
C LYS A 199 -15.46 9.77 -8.30
N GLN A 200 -14.33 10.20 -7.78
CA GLN A 200 -13.51 11.21 -8.42
C GLN A 200 -12.06 10.79 -8.67
N LEU A 201 -11.62 9.70 -8.05
CA LEU A 201 -10.29 9.14 -8.25
C LEU A 201 -10.33 7.63 -8.45
N ASN A 202 -9.59 7.14 -9.46
CA ASN A 202 -9.35 5.71 -9.62
C ASN A 202 -7.85 5.46 -9.50
N PHE A 203 -7.48 4.40 -8.78
CA PHE A 203 -6.10 4.15 -8.35
C PHE A 203 -5.63 2.83 -8.97
N TYR A 204 -4.56 2.89 -9.75
CA TYR A 204 -4.02 1.70 -10.39
C TYR A 204 -2.61 1.54 -9.91
N ALA A 205 -2.22 0.30 -9.64
CA ALA A 205 -0.89 -0.03 -9.13
C ALA A 205 -0.49 0.68 -7.83
N SER A 206 -1.48 1.08 -7.03
N SER A 206 -1.50 1.04 -7.03
CA SER A 206 -1.22 1.66 -5.72
CA SER A 206 -1.32 1.66 -5.73
C SER A 206 -1.31 0.56 -4.70
C SER A 206 -1.30 0.53 -4.71
N SER A 207 -0.78 0.83 -3.52
CA SER A 207 -0.52 -0.16 -2.52
C SER A 207 -1.04 0.25 -1.15
N LEU A 208 -1.17 -0.76 -0.29
CA LEU A 208 -1.37 -0.57 1.13
C LEU A 208 -0.13 -1.05 1.86
N LEU A 209 0.35 -0.25 2.80
CA LEU A 209 1.46 -0.60 3.62
C LEU A 209 0.88 -0.94 4.99
N PHE A 210 1.10 -2.18 5.43
CA PHE A 210 0.67 -2.67 6.73
C PHE A 210 1.85 -2.70 7.63
N VAL A 211 1.69 -2.17 8.83
CA VAL A 211 2.76 -2.20 9.82
C VAL A 211 2.15 -2.66 11.12
N TYR A 212 2.83 -3.56 11.83
CA TYR A 212 2.49 -3.87 13.20
C TYR A 212 3.76 -4.03 14.00
N GLU A 213 3.60 -4.04 15.32
CA GLU A 213 4.72 -4.13 16.23
C GLU A 213 5.12 -5.58 16.47
N GLY A 214 6.35 -5.91 16.11
CA GLY A 214 6.88 -7.26 16.27
C GLY A 214 7.61 -7.54 17.57
N SER A 215 7.98 -6.50 18.32
CA SER A 215 8.76 -6.69 19.56
C SER A 215 7.91 -7.32 20.63
N GLY A 221 -0.20 -4.85 21.62
CA GLY A 221 -1.27 -5.66 21.05
C GLY A 221 -2.31 -4.81 20.34
N GLY A 222 -2.72 -5.25 19.15
CA GLY A 222 -3.76 -4.59 18.37
C GLY A 222 -3.35 -3.29 17.69
N GLU A 223 -2.06 -2.97 17.67
CA GLU A 223 -1.57 -1.68 17.17
C GLU A 223 -0.99 -1.80 15.75
N VAL A 224 -1.71 -1.24 14.78
CA VAL A 224 -1.40 -1.41 13.36
C VAL A 224 -1.47 -0.05 12.67
N GLU A 225 -0.65 0.07 11.63
CA GLU A 225 -0.81 1.16 10.67
C GLU A 225 -1.16 0.52 9.36
N VAL A 226 -2.16 1.06 8.67
CA VAL A 226 -2.42 0.75 7.27
C VAL A 226 -2.49 2.07 6.53
N ARG A 227 -1.57 2.29 5.60
CA ARG A 227 -1.59 3.52 4.81
C ARG A 227 -1.54 3.20 3.34
N MET A 228 -2.23 4.02 2.56
CA MET A 228 -2.15 3.95 1.11
C MET A 228 -0.89 4.63 0.65
N ILE A 229 -0.21 4.02 -0.30
CA ILE A 229 0.98 4.56 -0.94
C ILE A 229 0.98 4.27 -2.45
N ASP A 230 1.95 4.87 -3.14
CA ASP A 230 2.27 4.57 -4.56
C ASP A 230 1.21 5.14 -5.53
N PHE A 231 1.36 6.40 -5.88
CA PHE A 231 0.32 7.14 -6.58
C PHE A 231 0.73 7.65 -7.95
N ALA A 232 1.59 6.92 -8.64
CA ALA A 232 1.98 7.26 -10.02
C ALA A 232 0.90 6.97 -11.04
N HIS A 233 -0.16 6.23 -10.66
CA HIS A 233 -1.24 5.90 -11.58
C HIS A 233 -2.64 6.16 -11.02
N VAL A 234 -2.82 7.35 -10.48
CA VAL A 234 -4.14 7.76 -9.98
C VAL A 234 -4.72 8.72 -11.00
N PHE A 235 -5.95 8.48 -11.40
CA PHE A 235 -6.58 9.24 -12.47
C PHE A 235 -7.95 9.78 -12.08
N PRO A 236 -8.32 10.95 -12.63
CA PRO A 236 -9.69 11.45 -12.44
C PRO A 236 -10.70 10.45 -12.98
N SER A 237 -11.83 10.34 -12.30
CA SER A 237 -12.85 9.38 -12.66
C SER A 237 -14.22 9.98 -12.41
N ASN A 238 -15.24 9.35 -12.94
CA ASN A 238 -16.63 9.66 -12.58
C ASN A 238 -17.35 8.36 -12.17
N THR A 239 -16.59 7.38 -11.69
CA THR A 239 -17.13 6.12 -11.22
C THR A 239 -16.42 5.69 -9.95
N ILE A 240 -17.07 4.76 -9.26
CA ILE A 240 -16.48 4.03 -8.15
C ILE A 240 -15.28 3.30 -8.68
N ASP A 241 -14.22 3.26 -7.88
CA ASP A 241 -13.05 2.48 -8.24
C ASP A 241 -13.32 1.01 -7.89
N GLU A 242 -13.92 0.30 -8.84
CA GLU A 242 -14.48 -1.02 -8.59
C GLU A 242 -13.41 -2.08 -8.40
N GLY A 243 -12.30 -1.95 -9.13
CA GLY A 243 -11.21 -2.89 -9.00
C GLY A 243 -10.53 -2.75 -7.66
N TYR A 244 -10.42 -1.51 -7.18
CA TYR A 244 -9.82 -1.26 -5.87
C TYR A 244 -10.72 -1.82 -4.77
N VAL A 245 -12.00 -1.50 -4.87
CA VAL A 245 -13.01 -2.03 -3.95
C VAL A 245 -12.99 -3.55 -3.91
N TYR A 246 -12.97 -4.21 -5.08
CA TYR A 246 -12.86 -5.67 -5.18
C TYR A 246 -11.67 -6.20 -4.42
N GLY A 247 -10.50 -5.60 -4.64
CA GLY A 247 -9.28 -6.01 -3.99
C GLY A 247 -9.31 -5.86 -2.49
N LEU A 248 -9.81 -4.73 -2.02
CA LEU A 248 -9.92 -4.50 -0.58
C LEU A 248 -10.81 -5.51 0.09
N LYS A 249 -11.96 -5.75 -0.54
CA LYS A 249 -12.90 -6.74 -0.02
C LYS A 249 -12.34 -8.15 0.00
N HIS A 250 -11.67 -8.55 -1.09
CA HIS A 250 -11.04 -9.86 -1.09
C HIS A 250 -9.96 -9.93 -0.03
N LEU A 251 -9.17 -8.86 0.12
CA LEU A 251 -8.13 -8.84 1.15
C LEU A 251 -8.75 -8.95 2.56
N ILE A 252 -9.85 -8.24 2.78
CA ILE A 252 -10.62 -8.33 4.03
C ILE A 252 -11.08 -9.78 4.27
N SER A 253 -11.64 -10.40 3.24
N SER A 253 -11.64 -10.39 3.23
CA SER A 253 -12.14 -11.78 3.34
CA SER A 253 -12.13 -11.76 3.28
C SER A 253 -11.03 -12.79 3.66
C SER A 253 -11.04 -12.77 3.65
N VAL A 254 -9.86 -12.60 3.05
CA VAL A 254 -8.68 -13.43 3.32
C VAL A 254 -8.23 -13.23 4.78
N LEU A 255 -8.02 -11.98 5.17
CA LEU A 255 -7.68 -11.68 6.57
C LEU A 255 -8.71 -12.24 7.54
N ARG A 256 -9.99 -12.08 7.22
CA ARG A 256 -11.05 -12.61 8.07
C ARG A 256 -10.96 -14.15 8.23
N SER A 257 -10.73 -14.84 7.11
CA SER A 257 -10.54 -16.29 7.16
C SER A 257 -9.34 -16.67 8.05
N ILE A 258 -8.30 -15.85 8.06
CA ILE A 258 -7.12 -16.11 8.89
C ILE A 258 -7.44 -16.08 10.39
N LEU A 259 -8.44 -15.29 10.78
CA LEU A 259 -8.91 -15.25 12.16
C LEU A 259 -9.52 -16.57 12.63
N ASP A 260 -9.92 -17.42 11.68
CA ASP A 260 -10.35 -18.80 12.00
C ASP A 260 -9.25 -19.86 12.14
N ASN A 261 -7.98 -19.47 12.02
CA ASN A 261 -6.87 -20.44 12.03
C ASN A 261 -6.68 -21.09 13.39
C1 MYC B . 5.64 6.16 1.44
C2 MYC B . 6.03 6.10 2.78
C3 MYC B . 6.81 4.95 3.24
C4 MYC B . 7.15 3.91 2.26
C5 MYC B . 6.74 4.03 0.95
C6 MYC B . 6.00 5.14 0.54
C9 MYC B . 7.25 4.80 4.63
C10 MYC B . 8.05 3.62 4.99
C11 MYC B . 8.37 2.62 3.93
C14 MYC B . 9.13 1.35 4.15
C15 MYC B . 8.93 0.36 3.18
C16 MYC B . 9.53 -0.88 3.27
C17 MYC B . 10.41 -1.16 4.43
C18 MYC B . 10.58 -0.09 5.43
C19 MYC B . 9.93 1.11 5.28
O12 MYC B . 7.90 2.83 2.66
O13 MYC B . 6.97 5.66 5.47
O23 MYC B . 11.37 -0.31 6.52
O24 MYC B . 11.03 -2.35 4.59
O25 MYC B . 9.29 -1.77 2.28
O27 MYC B . 8.47 3.52 6.27
O29 MYC B . 5.63 5.22 -0.77
O30 MYC B . 5.68 7.05 3.68
#